data_4HFS
#
_entry.id   4HFS
#
_cell.length_a   43.000
_cell.length_b   42.710
_cell.length_c   119.710
_cell.angle_alpha   90.000
_cell.angle_beta   97.620
_cell.angle_gamma   90.000
#
_symmetry.space_group_name_H-M   'P 1 2 1'
#
loop_
_entity.id
_entity.type
_entity.pdbx_description
1 polymer 'Uncharacterized protein YncM'
2 non-polymer 'SULFATE ION'
3 water water
#
_entity_poly.entity_id   1
_entity_poly.type   'polypeptide(L)'
_entity_poly.pdbx_seq_one_letter_code
;GADAQVAKAASELPNGIGGRVYLNSTGAVFTAKIVLPETVKNNDSVSTPYIYSGFRATSGTEADIGLQYSKQYNVWKPL
(MSE)KVGSKNEETYIEGKDKFTYNKGFRPGSTVQ(MSE)TIYKNLSGNTR(MSE)TLWGTNNDGYTGRIITEIQGTNIG
TISKWKTLATAAVSYESQRDAIKATFSTSFNNITIDNKAVTPVVDTQDFAKVSVAGNNVTISVNK
;
_entity_poly.pdbx_strand_id   A,B
#
loop_
_chem_comp.id
_chem_comp.type
_chem_comp.name
_chem_comp.formula
SO4 non-polymer 'SULFATE ION' 'O4 S -2'
#
# COMPACT_ATOMS: atom_id res chain seq x y z
N ALA A 10 -19.56 1.26 -5.79
CA ALA A 10 -18.74 0.15 -6.32
C ALA A 10 -18.84 -1.10 -5.43
N SER A 11 -18.66 -2.28 -6.04
CA SER A 11 -18.71 -3.56 -5.33
C SER A 11 -17.44 -3.77 -4.46
N GLU A 12 -16.31 -3.20 -4.88
CA GLU A 12 -15.04 -3.35 -4.17
C GLU A 12 -14.34 -2.02 -3.89
N LEU A 13 -13.67 -1.92 -2.74
CA LEU A 13 -12.83 -0.77 -2.44
C LEU A 13 -11.52 -0.95 -3.22
N PRO A 14 -10.85 0.13 -3.73
CA PRO A 14 -9.68 -0.09 -4.60
C PRO A 14 -8.42 -0.66 -3.94
N ASN A 15 -8.15 -0.34 -2.67
CA ASN A 15 -6.92 -0.77 -2.02
C ASN A 15 -7.16 -1.74 -0.84
N GLY A 16 -8.23 -2.51 -0.88
CA GLY A 16 -8.53 -3.43 0.21
C GLY A 16 -10.02 -3.67 0.38
N ILE A 17 -10.46 -3.89 1.63
CA ILE A 17 -11.87 -4.15 1.92
C ILE A 17 -12.39 -3.10 2.90
N GLY A 18 -13.71 -3.08 3.12
CA GLY A 18 -14.27 -2.15 4.07
C GLY A 18 -15.53 -1.48 3.61
N GLY A 19 -15.95 -0.48 4.40
CA GLY A 19 -17.16 0.28 4.13
C GLY A 19 -16.84 1.75 3.91
N ARG A 20 -17.66 2.37 3.06
CA ARG A 20 -17.50 3.76 2.71
C ARG A 20 -18.83 4.49 2.65
N VAL A 21 -18.80 5.74 3.15
CA VAL A 21 -19.93 6.68 3.02
C VAL A 21 -19.38 7.99 2.46
N TYR A 22 -20.26 8.75 1.81
CA TYR A 22 -19.92 10.08 1.33
C TYR A 22 -20.78 11.09 2.09
N LEU A 23 -20.20 12.28 2.33
CA LEU A 23 -20.83 13.40 3.00
C LEU A 23 -20.93 14.51 2.01
N ASN A 24 -22.15 14.76 1.54
CA ASN A 24 -22.41 15.71 0.49
C ASN A 24 -22.44 17.15 1.03
N SER A 25 -21.25 17.62 1.39
CA SER A 25 -20.97 18.97 1.88
C SER A 25 -19.67 19.49 1.30
N THR A 26 -19.63 20.79 1.01
CA THR A 26 -18.43 21.45 0.49
C THR A 26 -17.72 22.26 1.58
N GLY A 27 -18.12 22.07 2.85
CA GLY A 27 -17.59 22.81 3.97
C GLY A 27 -16.11 22.60 4.31
N ALA A 28 -15.57 23.44 5.19
CA ALA A 28 -14.14 23.50 5.50
C ALA A 28 -13.69 22.83 6.80
N VAL A 29 -14.60 22.64 7.78
CA VAL A 29 -14.22 22.07 9.07
C VAL A 29 -15.18 20.92 9.38
N PHE A 30 -14.61 19.72 9.57
CA PHE A 30 -15.33 18.50 9.86
C PHE A 30 -15.11 18.12 11.29
N THR A 31 -16.14 17.66 11.99
CA THR A 31 -15.97 17.15 13.36
C THR A 31 -16.77 15.88 13.49
N ALA A 32 -16.30 14.96 14.30
CA ALA A 32 -16.98 13.70 14.58
C ALA A 32 -16.41 13.09 15.82
N LYS A 33 -17.20 12.29 16.49
CA LYS A 33 -16.77 11.49 17.64
C LYS A 33 -16.58 10.09 17.15
N ILE A 34 -15.34 9.58 17.23
CA ILE A 34 -15.09 8.24 16.74
C ILE A 34 -15.10 7.27 17.91
N VAL A 35 -15.89 6.19 17.81
CA VAL A 35 -15.86 5.16 18.85
C VAL A 35 -14.97 4.05 18.29
N LEU A 36 -13.78 3.87 18.89
CA LEU A 36 -12.84 2.86 18.39
C LEU A 36 -13.28 1.46 18.75
N PRO A 37 -12.98 0.48 17.89
CA PRO A 37 -13.34 -0.89 18.22
C PRO A 37 -12.71 -1.36 19.55
N GLU A 38 -13.47 -2.15 20.28
CA GLU A 38 -13.05 -2.78 21.53
C GLU A 38 -12.06 -3.90 21.24
N THR A 39 -12.25 -4.60 20.10
CA THR A 39 -11.46 -5.73 19.64
C THR A 39 -11.12 -5.57 18.16
N VAL A 40 -9.92 -6.02 17.79
CA VAL A 40 -9.47 -6.04 16.40
C VAL A 40 -8.93 -7.41 16.12
N LYS A 41 -9.55 -8.11 15.16
CA LYS A 41 -9.06 -9.39 14.67
CA LYS A 41 -9.07 -9.40 14.67
C LYS A 41 -8.43 -9.08 13.34
N ASN A 42 -7.14 -9.36 13.15
CA ASN A 42 -6.45 -9.03 11.90
C ASN A 42 -5.36 -10.07 11.70
N ASN A 43 -5.81 -11.35 11.75
CA ASN A 43 -4.96 -12.54 11.67
C ASN A 43 -4.54 -12.83 10.22
N ASP A 44 -3.78 -11.89 9.66
CA ASP A 44 -3.21 -12.01 8.32
C ASP A 44 -1.82 -11.40 8.33
N SER A 45 -1.07 -11.58 7.23
CA SER A 45 0.24 -10.97 7.15
C SER A 45 0.29 -9.96 6.00
N VAL A 46 -0.86 -9.32 5.70
CA VAL A 46 -0.95 -8.38 4.58
C VAL A 46 -1.68 -7.01 4.85
N SER A 47 -2.69 -6.97 5.72
CA SER A 47 -3.46 -5.74 5.80
C SER A 47 -3.22 -4.91 7.05
N THR A 48 -3.63 -3.65 6.96
CA THR A 48 -3.64 -2.72 8.08
C THR A 48 -5.04 -2.10 8.23
N PRO A 49 -5.61 -2.11 9.45
CA PRO A 49 -6.90 -1.43 9.66
C PRO A 49 -6.74 0.08 9.70
N TYR A 50 -7.61 0.79 8.99
CA TYR A 50 -7.62 2.26 8.96
CA TYR A 50 -7.59 2.25 8.92
C TYR A 50 -9.03 2.74 9.10
N ILE A 51 -9.22 3.83 9.86
CA ILE A 51 -10.53 4.45 10.08
CA ILE A 51 -10.53 4.43 9.97
C ILE A 51 -10.31 5.90 9.72
N TYR A 52 -11.01 6.45 8.72
CA TYR A 52 -10.68 7.83 8.41
C TYR A 52 -11.76 8.60 7.68
N SER A 53 -11.61 9.90 7.71
CA SER A 53 -12.44 10.83 6.97
CA SER A 53 -12.44 10.83 6.97
C SER A 53 -11.54 11.48 5.91
N GLY A 54 -11.95 12.59 5.36
CA GLY A 54 -11.17 13.21 4.30
C GLY A 54 -12.13 13.77 3.27
N PHE A 55 -11.56 14.20 2.15
CA PHE A 55 -12.33 14.90 1.17
C PHE A 55 -11.72 14.79 -0.20
N ARG A 56 -12.50 15.20 -1.19
CA ARG A 56 -12.03 15.36 -2.55
C ARG A 56 -12.16 16.84 -2.85
N ALA A 57 -11.05 17.50 -3.18
CA ALA A 57 -11.06 18.92 -3.55
C ALA A 57 -11.60 19.03 -4.97
N THR A 58 -12.15 20.20 -5.37
CA THR A 58 -12.68 20.37 -6.73
C THR A 58 -11.52 20.27 -7.76
N SER A 59 -10.26 20.48 -7.31
CA SER A 59 -9.05 20.35 -8.13
C SER A 59 -8.76 18.88 -8.50
N GLY A 60 -9.36 17.97 -7.72
CA GLY A 60 -9.19 16.52 -7.83
C GLY A 60 -8.40 15.91 -6.68
N THR A 61 -7.73 16.77 -5.86
CA THR A 61 -6.86 16.34 -4.76
C THR A 61 -7.69 15.53 -3.75
N GLU A 62 -7.20 14.35 -3.38
CA GLU A 62 -7.84 13.43 -2.44
C GLU A 62 -7.10 13.42 -1.12
N ALA A 63 -7.84 13.52 0.00
CA ALA A 63 -7.24 13.49 1.31
C ALA A 63 -7.85 12.36 2.14
N ASP A 64 -6.97 11.60 2.83
CA ASP A 64 -7.36 10.53 3.76
C ASP A 64 -6.82 10.95 5.10
N ILE A 65 -7.72 11.18 6.08
CA ILE A 65 -7.32 11.78 7.35
C ILE A 65 -8.02 11.06 8.49
N GLY A 66 -7.23 10.34 9.28
CA GLY A 66 -7.83 9.62 10.39
C GLY A 66 -6.83 8.89 11.23
N LEU A 67 -7.13 7.63 11.51
CA LEU A 67 -6.31 6.79 12.38
C LEU A 67 -5.98 5.47 11.75
N GLN A 68 -4.83 4.89 12.10
CA GLN A 68 -4.39 3.57 11.69
C GLN A 68 -4.17 2.70 12.93
N TYR A 69 -4.49 1.42 12.83
CA TYR A 69 -4.29 0.51 13.94
C TYR A 69 -2.86 -0.02 13.92
N SER A 70 -2.23 0.00 15.10
CA SER A 70 -0.93 -0.58 15.30
C SER A 70 -1.07 -1.95 15.92
N LYS A 71 -0.71 -3.01 15.19
CA LYS A 71 -0.74 -4.37 15.69
C LYS A 71 0.31 -4.54 16.80
N GLN A 72 1.45 -3.90 16.64
CA GLN A 72 2.57 -4.00 17.58
C GLN A 72 2.19 -3.50 18.97
N TYR A 73 1.50 -2.36 19.04
CA TYR A 73 1.18 -1.71 20.32
C TYR A 73 -0.29 -1.75 20.69
N ASN A 74 -1.19 -2.28 19.81
CA ASN A 74 -2.62 -2.38 20.10
C ASN A 74 -3.23 -0.99 20.45
N VAL A 75 -2.96 -0.02 19.58
CA VAL A 75 -3.48 1.34 19.71
C VAL A 75 -3.77 1.88 18.34
N TRP A 76 -4.46 3.00 18.28
CA TRP A 76 -4.76 3.72 17.03
C TRP A 76 -3.94 5.01 17.00
N LYS A 77 -3.29 5.27 15.85
CA LYS A 77 -2.42 6.44 15.77
C LYS A 77 -2.82 7.31 14.61
N PRO A 78 -2.43 8.59 14.58
CA PRO A 78 -2.81 9.43 13.41
C PRO A 78 -2.28 8.92 12.09
N LEU A 79 -3.07 9.15 11.04
CA LEU A 79 -2.79 8.78 9.65
CA LEU A 79 -2.62 8.89 9.69
C LEU A 79 -3.30 9.92 8.77
N MSE A 80 -2.46 10.60 8.03
CA MSE A 80 -2.95 11.69 7.16
C MSE A 80 -2.20 11.72 5.86
O MSE A 80 -0.98 11.63 5.85
CB MSE A 80 -2.63 13.06 7.81
CG MSE A 80 -3.33 13.36 9.05
SE MSE A 80 -2.88 15.24 9.54
CE MSE A 80 -4.01 16.16 8.21
N LYS A 81 -2.91 11.93 4.75
CA LYS A 81 -2.30 12.07 3.42
CA LYS A 81 -2.25 12.16 3.47
C LYS A 81 -3.17 13.04 2.62
N VAL A 82 -2.59 14.06 1.95
CA VAL A 82 -3.35 15.01 1.16
C VAL A 82 -2.67 15.07 -0.19
N GLY A 83 -3.28 14.43 -1.20
CA GLY A 83 -2.66 14.33 -2.52
C GLY A 83 -1.34 13.60 -2.42
N SER A 84 -0.26 14.21 -2.95
CA SER A 84 1.08 13.61 -2.92
C SER A 84 1.83 13.91 -1.61
N LYS A 85 1.22 14.67 -0.68
CA LYS A 85 1.89 15.06 0.56
C LYS A 85 1.47 14.13 1.70
N ASN A 86 2.44 13.43 2.27
CA ASN A 86 2.17 12.48 3.32
C ASN A 86 3.13 12.63 4.52
N GLU A 87 3.89 13.74 4.58
CA GLU A 87 4.83 13.96 5.70
C GLU A 87 4.13 14.73 6.79
N GLU A 88 3.79 14.05 7.90
CA GLU A 88 3.04 14.65 9.03
C GLU A 88 3.92 15.47 9.92
N THR A 89 3.39 16.62 10.37
CA THR A 89 4.03 17.49 11.36
C THR A 89 3.21 17.42 12.62
N TYR A 90 3.83 17.08 13.74
CA TYR A 90 3.09 17.03 15.00
C TYR A 90 3.29 18.35 15.73
N ILE A 91 2.21 19.12 15.87
CA ILE A 91 2.23 20.43 16.52
C ILE A 91 2.21 20.27 18.03
N GLU A 92 1.50 19.22 18.51
CA GLU A 92 1.35 18.93 19.92
C GLU A 92 1.00 17.49 20.09
N GLY A 93 1.47 16.87 21.17
CA GLY A 93 1.08 15.53 21.57
C GLY A 93 1.81 14.34 20.99
N LYS A 94 2.90 14.55 20.21
CA LYS A 94 3.70 13.44 19.65
CA LYS A 94 3.61 13.41 19.64
C LYS A 94 4.04 12.38 20.71
N ASP A 95 4.48 12.83 21.90
CA ASP A 95 4.96 11.90 22.92
C ASP A 95 3.87 11.13 23.64
N LYS A 96 2.60 11.49 23.39
CA LYS A 96 1.47 10.86 24.06
C LYS A 96 0.64 9.96 23.17
N PHE A 97 0.69 10.20 21.84
CA PHE A 97 -0.17 9.43 20.92
C PHE A 97 0.52 8.92 19.64
N THR A 98 1.87 8.79 19.68
CA THR A 98 2.61 8.19 18.55
C THR A 98 3.64 7.23 19.15
N TYR A 99 4.30 6.49 18.25
CA TYR A 99 5.33 5.48 18.47
C TYR A 99 4.75 4.36 19.32
N ASN A 100 5.11 4.22 20.60
CA ASN A 100 4.60 3.10 21.42
C ASN A 100 3.29 3.45 22.14
N LYS A 101 2.78 4.67 21.87
CA LYS A 101 1.52 5.17 22.46
CA LYS A 101 1.51 5.14 22.45
C LYS A 101 0.51 5.52 21.35
N GLY A 102 -0.76 5.52 21.71
CA GLY A 102 -1.83 5.87 20.78
C GLY A 102 -3.16 5.76 21.49
N PHE A 103 -4.26 6.04 20.76
CA PHE A 103 -5.60 5.97 21.32
C PHE A 103 -5.94 4.53 21.69
N ARG A 104 -6.44 4.34 22.93
CA ARG A 104 -6.62 2.97 23.39
C ARG A 104 -7.91 2.31 22.80
N PRO A 105 -7.87 0.96 22.65
CA PRO A 105 -9.06 0.25 22.16
C PRO A 105 -10.31 0.57 22.99
N GLY A 106 -11.45 0.65 22.30
CA GLY A 106 -12.77 0.91 22.85
C GLY A 106 -13.04 2.34 23.24
N SER A 107 -12.00 3.19 23.22
CA SER A 107 -12.17 4.56 23.65
C SER A 107 -12.85 5.41 22.58
N THR A 108 -13.26 6.62 22.97
CA THR A 108 -13.84 7.57 22.04
C THR A 108 -12.84 8.68 21.75
N VAL A 109 -12.72 9.04 20.46
CA VAL A 109 -11.83 10.09 20.03
C VAL A 109 -12.62 11.19 19.36
N GLN A 110 -12.42 12.43 19.81
CA GLN A 110 -13.06 13.58 19.18
C GLN A 110 -12.12 14.06 18.10
N MSE A 111 -12.64 14.15 16.87
CA MSE A 111 -11.80 14.55 15.75
C MSE A 111 -12.32 15.82 15.11
O MSE A 111 -13.51 15.97 14.89
CB MSE A 111 -11.72 13.44 14.69
CG MSE A 111 -10.95 13.85 13.43
SE MSE A 111 -10.58 12.39 12.27
CE MSE A 111 -12.30 12.17 11.55
N THR A 112 -11.39 16.73 14.81
CA THR A 112 -11.69 17.94 14.05
C THR A 112 -10.71 17.95 12.88
N ILE A 113 -11.20 18.16 11.64
CA ILE A 113 -10.35 18.27 10.46
C ILE A 113 -10.56 19.65 9.86
N TYR A 114 -9.47 20.39 9.66
CA TYR A 114 -9.48 21.71 9.01
C TYR A 114 -8.84 21.52 7.67
N LYS A 115 -9.60 21.68 6.56
CA LYS A 115 -9.05 21.51 5.20
C LYS A 115 -7.91 22.51 4.94
N ASN A 116 -8.02 23.72 5.51
CA ASN A 116 -7.07 24.79 5.23
C ASN A 116 -7.04 25.79 6.37
N LEU A 117 -5.98 25.69 7.16
CA LEU A 117 -5.70 26.57 8.28
C LEU A 117 -4.31 27.14 7.98
N SER A 118 -4.26 28.39 7.46
CA SER A 118 -3.04 29.10 7.05
C SER A 118 -2.25 28.28 5.97
N GLY A 119 -2.99 27.60 5.09
CA GLY A 119 -2.43 26.80 4.00
C GLY A 119 -2.10 25.36 4.37
N ASN A 120 -2.36 24.95 5.63
CA ASN A 120 -2.09 23.60 6.10
C ASN A 120 -3.38 22.83 6.37
N THR A 121 -3.35 21.50 6.16
CA THR A 121 -4.48 20.64 6.51
C THR A 121 -4.18 20.11 7.92
N ARG A 122 -5.08 20.33 8.87
CA ARG A 122 -4.89 19.95 10.25
C ARG A 122 -5.91 18.95 10.71
N MSE A 123 -5.47 18.00 11.54
CA MSE A 123 -6.37 17.10 12.24
C MSE A 123 -6.03 17.19 13.71
O MSE A 123 -4.86 17.01 14.08
CB MSE A 123 -6.23 15.65 11.77
CG MSE A 123 -7.13 14.70 12.56
SE MSE A 123 -6.82 12.82 12.07
CE MSE A 123 -4.93 12.72 12.41
N THR A 124 -7.03 17.50 14.54
CA THR A 124 -6.89 17.54 15.99
C THR A 124 -7.68 16.39 16.55
N LEU A 125 -7.06 15.60 17.45
CA LEU A 125 -7.68 14.42 18.07
C LEU A 125 -7.60 14.56 19.58
N TRP A 126 -8.73 14.40 20.24
CA TRP A 126 -8.84 14.43 21.69
C TRP A 126 -9.30 13.07 22.17
N GLY A 127 -8.56 12.47 23.09
CA GLY A 127 -8.95 11.18 23.63
C GLY A 127 -7.97 10.63 24.63
N THR A 128 -8.05 9.32 24.89
CA THR A 128 -7.27 8.69 25.94
C THR A 128 -6.31 7.67 25.37
N ASN A 129 -5.03 7.71 25.84
CA ASN A 129 -4.05 6.76 25.31
C ASN A 129 -3.97 5.48 26.15
N ASN A 130 -3.07 4.59 25.77
CA ASN A 130 -2.90 3.28 26.41
C ASN A 130 -2.33 3.36 27.85
N ASP A 131 -1.88 4.56 28.30
CA ASP A 131 -1.39 4.80 29.65
C ASP A 131 -2.45 5.49 30.50
N GLY A 132 -3.63 5.71 29.92
CA GLY A 132 -4.73 6.37 30.61
C GLY A 132 -4.61 7.88 30.66
N TYR A 133 -3.71 8.46 29.83
CA TYR A 133 -3.59 9.90 29.70
C TYR A 133 -4.67 10.40 28.74
N THR A 134 -5.43 11.40 29.18
CA THR A 134 -6.45 12.05 28.33
C THR A 134 -5.87 13.38 27.86
N GLY A 135 -5.79 13.54 26.55
CA GLY A 135 -5.23 14.75 25.97
C GLY A 135 -5.48 14.90 24.50
N ARG A 136 -4.65 15.75 23.87
CA ARG A 136 -4.78 16.14 22.48
CA ARG A 136 -4.78 16.15 22.48
C ARG A 136 -3.52 15.87 21.68
N ILE A 137 -3.68 15.51 20.40
CA ILE A 137 -2.58 15.40 19.46
C ILE A 137 -3.05 16.21 18.27
N ILE A 138 -2.24 17.18 17.82
CA ILE A 138 -2.50 18.02 16.66
C ILE A 138 -1.47 17.64 15.59
N THR A 139 -1.97 17.24 14.41
CA THR A 139 -1.15 16.81 13.29
C THR A 139 -1.52 17.61 12.07
N GLU A 140 -0.53 17.92 11.25
CA GLU A 140 -0.77 18.67 10.02
C GLU A 140 -0.01 18.10 8.86
N ILE A 141 -0.53 18.36 7.65
CA ILE A 141 0.19 18.19 6.38
C ILE A 141 0.35 19.62 5.93
N GLN A 142 1.57 20.15 5.99
CA GLN A 142 1.79 21.55 5.69
C GLN A 142 1.78 21.84 4.19
N GLY A 143 1.36 23.05 3.84
CA GLY A 143 1.42 23.58 2.48
C GLY A 143 0.55 22.89 1.46
N THR A 144 -0.61 22.41 1.89
CA THR A 144 -1.54 21.75 0.99
C THR A 144 -2.37 22.77 0.19
N ASN A 145 -2.62 23.96 0.78
CA ASN A 145 -3.35 25.10 0.16
C ASN A 145 -4.62 24.65 -0.55
N ILE A 146 -5.47 23.93 0.18
CA ILE A 146 -6.69 23.39 -0.38
C ILE A 146 -7.73 24.49 -0.56
N GLY A 147 -8.28 24.53 -1.76
CA GLY A 147 -9.33 25.47 -2.13
C GLY A 147 -10.70 24.88 -1.86
N THR A 148 -11.62 24.99 -2.87
CA THR A 148 -12.97 24.46 -2.69
C THR A 148 -12.99 22.93 -2.69
N ILE A 149 -13.99 22.37 -2.00
CA ILE A 149 -14.20 20.95 -1.81
C ILE A 149 -15.40 20.46 -2.62
N SER A 150 -15.33 19.22 -3.15
CA SER A 150 -16.43 18.59 -3.88
CA SER A 150 -16.45 18.64 -3.88
C SER A 150 -17.35 17.89 -2.86
N LYS A 151 -16.75 17.05 -2.01
CA LYS A 151 -17.47 16.31 -0.97
C LYS A 151 -16.48 15.71 0.04
N TRP A 152 -17.00 15.27 1.19
CA TRP A 152 -16.20 14.62 2.22
C TRP A 152 -16.53 13.11 2.22
N LYS A 153 -15.74 12.33 2.94
CA LYS A 153 -15.95 10.89 3.00
C LYS A 153 -15.71 10.37 4.38
N THR A 154 -16.06 9.12 4.60
CA THR A 154 -15.77 8.42 5.86
C THR A 154 -15.66 6.94 5.51
N LEU A 155 -14.57 6.30 5.97
CA LEU A 155 -14.34 4.90 5.68
C LEU A 155 -13.81 4.17 6.89
N ALA A 156 -14.04 2.84 6.92
CA ALA A 156 -13.33 1.92 7.81
C ALA A 156 -12.83 0.81 6.94
N THR A 157 -11.50 0.63 6.86
CA THR A 157 -10.97 -0.33 5.89
C THR A 157 -9.89 -1.21 6.45
N ALA A 158 -9.57 -2.28 5.73
CA ALA A 158 -8.38 -3.09 5.96
C ALA A 158 -7.68 -3.00 4.62
N ALA A 159 -6.63 -2.16 4.55
CA ALA A 159 -5.97 -1.89 3.26
C ALA A 159 -4.69 -2.68 3.07
N VAL A 160 -4.39 -3.02 1.79
CA VAL A 160 -3.23 -3.81 1.39
C VAL A 160 -2.38 -3.00 0.39
N SER A 161 -1.09 -3.33 0.26
CA SER A 161 -0.29 -2.57 -0.70
C SER A 161 -0.61 -2.93 -2.15
N TYR A 162 -0.78 -4.25 -2.44
N TYR A 162 -0.88 -4.21 -2.42
CA TYR A 162 -1.04 -4.80 -3.78
CA TYR A 162 -1.15 -4.67 -3.78
C TYR A 162 -2.36 -5.61 -3.86
C TYR A 162 -2.38 -5.58 -3.86
N GLU A 163 -3.08 -5.50 -5.00
CA GLU A 163 -4.37 -6.14 -5.31
C GLU A 163 -4.58 -7.64 -4.97
N SER A 164 -3.68 -8.54 -5.38
CA SER A 164 -3.76 -10.00 -5.18
C SER A 164 -3.88 -10.40 -3.73
N GLN A 165 -3.43 -9.50 -2.82
CA GLN A 165 -3.47 -9.71 -1.41
C GLN A 165 -4.88 -9.53 -0.85
N ARG A 166 -5.84 -8.97 -1.63
CA ARG A 166 -7.27 -8.82 -1.25
C ARG A 166 -7.85 -10.11 -0.65
N ASP A 167 -7.68 -11.26 -1.35
CA ASP A 167 -8.26 -12.55 -0.93
C ASP A 167 -7.74 -13.02 0.44
N ALA A 168 -6.48 -12.72 0.77
CA ALA A 168 -5.82 -13.10 2.01
C ALA A 168 -6.21 -12.22 3.21
N ILE A 169 -6.88 -11.07 2.97
CA ILE A 169 -7.23 -10.18 4.09
C ILE A 169 -8.11 -10.90 5.09
N LYS A 170 -7.76 -10.73 6.37
CA LYS A 170 -8.55 -11.22 7.50
C LYS A 170 -8.67 -10.06 8.44
N ALA A 171 -9.88 -9.51 8.60
CA ALA A 171 -10.07 -8.37 9.50
C ALA A 171 -11.49 -8.35 10.02
N THR A 172 -11.65 -8.14 11.33
CA THR A 172 -12.95 -8.02 11.98
C THR A 172 -12.82 -6.90 13.01
N PHE A 173 -13.48 -5.77 12.73
CA PHE A 173 -13.51 -4.64 13.65
C PHE A 173 -14.65 -3.73 13.28
N SER A 174 -15.27 -3.11 14.29
CA SER A 174 -16.40 -2.22 14.05
CA SER A 174 -16.40 -2.21 14.05
C SER A 174 -16.15 -0.86 14.70
N THR A 175 -16.53 0.20 14.01
CA THR A 175 -16.32 1.56 14.50
C THR A 175 -17.51 2.41 14.17
N SER A 176 -17.68 3.51 14.92
CA SER A 176 -18.76 4.48 14.72
CA SER A 176 -18.75 4.43 14.61
C SER A 176 -18.20 5.87 14.55
N PHE A 177 -18.80 6.66 13.65
CA PHE A 177 -18.49 8.10 13.49
C PHE A 177 -19.76 8.78 13.88
N ASN A 178 -19.77 9.45 15.04
CA ASN A 178 -21.00 10.02 15.55
C ASN A 178 -20.96 11.54 15.60
N ASN A 179 -22.16 12.14 15.52
CA ASN A 179 -22.41 13.55 15.54
C ASN A 179 -21.55 14.26 14.50
N ILE A 180 -21.64 13.78 13.25
CA ILE A 180 -20.85 14.33 12.16
C ILE A 180 -21.37 15.71 11.84
N THR A 181 -20.48 16.71 11.87
CA THR A 181 -20.83 18.08 11.50
C THR A 181 -19.81 18.62 10.54
N ILE A 182 -20.25 19.41 9.54
CA ILE A 182 -19.32 20.07 8.63
C ILE A 182 -19.74 21.54 8.66
N ASP A 183 -18.80 22.42 9.06
CA ASP A 183 -19.03 23.86 9.26
C ASP A 183 -20.23 24.05 10.21
N ASN A 184 -20.21 23.27 11.31
CA ASN A 184 -21.14 23.27 12.43
C ASN A 184 -22.56 22.82 12.08
N LYS A 185 -22.76 22.26 10.87
CA LYS A 185 -24.06 21.73 10.43
C LYS A 185 -24.04 20.21 10.39
N ALA A 186 -25.05 19.55 11.00
CA ALA A 186 -25.15 18.10 10.98
C ALA A 186 -25.27 17.60 9.53
N VAL A 187 -24.51 16.55 9.18
CA VAL A 187 -24.54 15.99 7.83
C VAL A 187 -24.82 14.48 7.90
N THR A 188 -25.86 14.02 7.17
CA THR A 188 -26.22 12.61 7.11
C THR A 188 -25.47 11.96 5.95
N PRO A 189 -24.59 10.98 6.27
CA PRO A 189 -23.83 10.33 5.20
C PRO A 189 -24.71 9.44 4.35
N VAL A 190 -24.25 9.19 3.12
CA VAL A 190 -24.94 8.32 2.16
C VAL A 190 -24.09 7.06 2.00
N VAL A 191 -24.71 5.88 2.18
CA VAL A 191 -24.02 4.60 2.06
C VAL A 191 -23.44 4.48 0.63
N ASP A 192 -22.16 4.10 0.55
CA ASP A 192 -21.48 3.86 -0.69
C ASP A 192 -21.12 2.37 -0.64
N THR A 193 -19.86 2.02 -0.85
CA THR A 193 -19.37 0.66 -0.90
C THR A 193 -19.47 -0.07 0.43
N GLN A 194 -19.90 -1.34 0.35
CA GLN A 194 -19.95 -2.28 1.48
C GLN A 194 -19.24 -3.52 0.96
N ASP A 195 -17.92 -3.62 1.24
CA ASP A 195 -17.07 -4.69 0.73
C ASP A 195 -16.52 -5.49 1.90
N PHE A 196 -17.21 -6.60 2.30
CA PHE A 196 -16.91 -7.34 3.54
C PHE A 196 -17.12 -6.42 4.74
N ALA A 197 -18.10 -5.54 4.61
CA ALA A 197 -18.46 -4.59 5.67
C ALA A 197 -19.92 -4.30 5.62
N LYS A 198 -20.49 -4.01 6.77
CA LYS A 198 -21.87 -3.62 6.93
C LYS A 198 -21.84 -2.18 7.33
N VAL A 199 -22.50 -1.32 6.55
CA VAL A 199 -22.57 0.10 6.86
C VAL A 199 -24.00 0.47 7.31
N SER A 200 -24.14 1.09 8.49
CA SER A 200 -25.45 1.53 9.01
CA SER A 200 -25.45 1.53 8.97
C SER A 200 -25.41 3.02 9.24
N VAL A 201 -26.33 3.76 8.63
CA VAL A 201 -26.43 5.20 8.82
C VAL A 201 -27.70 5.50 9.62
N ALA A 202 -27.60 6.37 10.63
CA ALA A 202 -28.73 6.84 11.41
C ALA A 202 -28.55 8.30 11.64
N GLY A 203 -29.10 9.12 10.74
CA GLY A 203 -28.93 10.56 10.83
C GLY A 203 -27.46 10.90 10.59
N ASN A 204 -26.89 11.80 11.40
CA ASN A 204 -25.48 12.20 11.24
C ASN A 204 -24.56 11.28 12.05
N ASN A 205 -24.72 9.99 11.84
CA ASN A 205 -23.99 8.94 12.56
C ASN A 205 -23.85 7.76 11.64
N VAL A 206 -22.71 7.09 11.67
CA VAL A 206 -22.55 5.91 10.83
C VAL A 206 -21.72 4.87 11.58
N THR A 207 -22.14 3.62 11.50
CA THR A 207 -21.38 2.51 12.06
C THR A 207 -20.93 1.66 10.88
N ILE A 208 -19.63 1.29 10.88
CA ILE A 208 -19.05 0.47 9.83
C ILE A 208 -18.44 -0.75 10.48
N SER A 209 -19.00 -1.95 10.19
CA SER A 209 -18.54 -3.20 10.76
C SER A 209 -17.86 -4.04 9.70
N VAL A 210 -16.51 -4.09 9.74
CA VAL A 210 -15.69 -4.82 8.78
C VAL A 210 -15.59 -6.25 9.26
N ASN A 211 -15.79 -7.21 8.36
CA ASN A 211 -15.73 -8.62 8.75
C ASN A 211 -15.37 -9.50 7.57
N LYS A 212 -14.12 -9.97 7.57
CA LYS A 212 -13.55 -10.93 6.60
C LYS A 212 -12.65 -11.93 7.34
N ALA B 10 17.12 9.77 -5.72
CA ALA B 10 16.48 10.22 -4.49
C ALA B 10 17.02 9.47 -3.27
N SER B 11 16.98 10.11 -2.09
CA SER B 11 17.42 9.52 -0.83
C SER B 11 16.44 8.44 -0.33
N GLU B 12 15.14 8.58 -0.67
CA GLU B 12 14.11 7.64 -0.22
CA GLU B 12 14.13 7.62 -0.22
C GLU B 12 13.25 7.12 -1.36
N LEU B 13 12.84 5.84 -1.28
CA LEU B 13 11.87 5.28 -2.22
C LEU B 13 10.48 5.80 -1.80
N PRO B 14 9.52 6.07 -2.71
CA PRO B 14 8.24 6.68 -2.27
C PRO B 14 7.31 5.81 -1.43
N ASN B 15 7.28 4.50 -1.66
CA ASN B 15 6.34 3.62 -0.97
C ASN B 15 7.01 2.60 -0.03
N GLY B 16 8.17 2.95 0.52
CA GLY B 16 8.89 2.03 1.40
C GLY B 16 10.39 2.19 1.33
N ILE B 17 11.13 1.08 1.49
CA ILE B 17 12.60 1.10 1.46
C ILE B 17 13.10 0.19 0.37
N GLY B 18 14.39 0.24 0.07
CA GLY B 18 14.97 -0.65 -0.93
C GLY B 18 15.93 0.01 -1.88
N GLY B 19 16.30 -0.75 -2.91
CA GLY B 19 17.23 -0.31 -3.93
C GLY B 19 16.57 -0.27 -5.30
N ARG B 20 17.02 0.66 -6.12
CA ARG B 20 16.49 0.85 -7.45
C ARG B 20 17.61 1.14 -8.46
N VAL B 21 17.45 0.55 -9.64
CA VAL B 21 18.29 0.84 -10.82
C VAL B 21 17.39 1.16 -11.99
N TYR B 22 17.91 1.91 -12.95
CA TYR B 22 17.22 2.20 -14.19
C TYR B 22 17.99 1.57 -15.33
N LEU B 23 17.24 1.14 -16.36
CA LEU B 23 17.77 0.52 -17.56
C LEU B 23 17.40 1.41 -18.71
N ASN B 24 18.41 2.12 -19.23
CA ASN B 24 18.21 3.11 -20.26
C ASN B 24 18.05 2.46 -21.65
N SER B 25 16.89 1.83 -21.83
CA SER B 25 16.45 1.18 -23.07
C SER B 25 14.98 1.44 -23.29
N THR B 26 14.59 1.60 -24.57
CA THR B 26 13.20 1.82 -24.96
C THR B 26 12.59 0.55 -25.55
N GLY B 27 13.30 -0.60 -25.41
CA GLY B 27 12.88 -1.87 -25.97
C GLY B 27 11.59 -2.47 -25.43
N ALA B 28 11.09 -3.52 -26.09
CA ALA B 28 9.77 -4.12 -25.82
C ALA B 28 9.78 -5.44 -25.03
N VAL B 29 10.90 -6.19 -25.04
CA VAL B 29 10.96 -7.49 -24.36
C VAL B 29 12.17 -7.50 -23.44
N PHE B 30 11.92 -7.70 -22.15
CA PHE B 30 12.95 -7.73 -21.11
C PHE B 30 13.13 -9.15 -20.63
N THR B 31 14.37 -9.58 -20.40
CA THR B 31 14.62 -10.91 -19.82
C THR B 31 15.69 -10.77 -18.76
N ALA B 32 15.59 -11.58 -17.72
CA ALA B 32 16.58 -11.62 -16.65
C ALA B 32 16.43 -12.89 -15.87
N LYS B 33 17.51 -13.32 -15.24
CA LYS B 33 17.52 -14.46 -14.33
C LYS B 33 17.51 -13.91 -12.94
N ILE B 34 16.46 -14.22 -12.16
CA ILE B 34 16.38 -13.67 -10.81
C ILE B 34 16.85 -14.73 -9.82
N VAL B 35 17.80 -14.38 -8.95
CA VAL B 35 18.22 -15.30 -7.90
C VAL B 35 17.46 -14.86 -6.64
N LEU B 36 16.52 -15.69 -6.17
CA LEU B 36 15.72 -15.33 -5.00
C LEU B 36 16.49 -15.47 -3.72
N PRO B 37 16.20 -14.65 -2.69
CA PRO B 37 16.90 -14.84 -1.43
C PRO B 37 16.62 -16.18 -0.79
N GLU B 38 17.66 -16.67 -0.17
CA GLU B 38 17.71 -17.91 0.57
CA GLU B 38 17.74 -17.91 0.58
C GLU B 38 16.92 -17.75 1.87
N THR B 39 17.01 -16.55 2.49
CA THR B 39 16.36 -16.17 3.73
C THR B 39 15.73 -14.79 3.61
N VAL B 40 14.57 -14.63 4.26
CA VAL B 40 13.86 -13.35 4.33
C VAL B 40 13.56 -13.09 5.78
N LYS B 41 14.07 -11.97 6.29
CA LYS B 41 13.75 -11.49 7.63
C LYS B 41 12.80 -10.33 7.39
N ASN B 42 11.59 -10.38 7.96
CA ASN B 42 10.60 -9.33 7.73
C ASN B 42 9.73 -9.27 8.98
N ASN B 43 10.42 -9.14 10.13
CA ASN B 43 9.83 -9.12 11.48
CA ASN B 43 9.84 -9.11 11.48
C ASN B 43 9.14 -7.77 11.77
N ASP B 44 8.11 -7.46 10.99
CA ASP B 44 7.29 -6.27 11.17
C ASP B 44 5.86 -6.63 10.84
N SER B 45 4.92 -5.71 11.13
CA SER B 45 3.53 -5.97 10.79
C SER B 45 3.04 -4.92 9.79
N VAL B 46 3.95 -4.46 8.88
CA VAL B 46 3.56 -3.44 7.91
C VAL B 46 4.08 -3.62 6.45
N SER B 47 5.23 -4.26 6.25
CA SER B 47 5.74 -4.28 4.91
C SER B 47 5.63 -5.62 4.22
N THR B 48 5.75 -5.56 2.89
CA THR B 48 5.82 -6.74 2.04
C THR B 48 7.07 -6.64 1.14
N PRO B 49 7.88 -7.71 1.09
CA PRO B 49 9.04 -7.69 0.15
C PRO B 49 8.59 -7.88 -1.29
N TYR B 50 9.13 -7.05 -2.18
N TYR B 50 9.09 -7.06 -2.25
CA TYR B 50 8.87 -7.16 -3.60
CA TYR B 50 8.66 -7.14 -3.68
C TYR B 50 10.18 -7.11 -4.33
C TYR B 50 9.86 -6.86 -4.60
N ILE B 51 10.24 -7.85 -5.45
CA ILE B 51 11.39 -7.85 -6.35
CA ILE B 51 11.37 -7.73 -6.34
C ILE B 51 10.80 -7.66 -7.73
N TYR B 52 11.14 -6.58 -8.46
CA TYR B 52 10.46 -6.46 -9.74
C TYR B 52 11.18 -5.58 -10.74
N SER B 53 10.76 -5.75 -11.98
CA SER B 53 11.19 -4.92 -13.09
CA SER B 53 11.19 -4.92 -13.09
C SER B 53 9.96 -4.13 -13.55
N GLY B 54 10.00 -3.60 -14.73
CA GLY B 54 8.89 -2.78 -15.19
C GLY B 54 9.46 -1.62 -15.96
N PHE B 55 8.58 -0.68 -16.28
CA PHE B 55 8.96 0.39 -17.16
C PHE B 55 8.09 1.60 -16.94
N ARG B 56 8.53 2.69 -17.53
CA ARG B 56 7.77 3.91 -17.62
C ARG B 56 7.50 4.13 -19.10
N ALA B 57 6.23 4.16 -19.50
CA ALA B 57 5.85 4.41 -20.89
C ALA B 57 6.04 5.91 -21.16
N THR B 58 6.22 6.31 -22.43
CA THR B 58 6.40 7.73 -22.76
C THR B 58 5.12 8.53 -22.40
N SER B 59 3.96 7.83 -22.32
CA SER B 59 2.67 8.40 -21.94
C SER B 59 2.64 8.79 -20.44
N GLY B 60 3.54 8.20 -19.68
CA GLY B 60 3.68 8.38 -18.24
C GLY B 60 3.29 7.15 -17.44
N THR B 61 2.63 6.16 -18.09
CA THR B 61 2.15 4.92 -17.44
C THR B 61 3.33 4.17 -16.83
N GLU B 62 3.18 3.79 -15.55
CA GLU B 62 4.21 3.07 -14.79
C GLU B 62 3.79 1.62 -14.58
N ALA B 63 4.71 0.69 -14.84
CA ALA B 63 4.43 -0.73 -14.65
C ALA B 63 5.43 -1.31 -13.67
N ASP B 64 4.91 -2.10 -12.72
CA ASP B 64 5.72 -2.83 -11.74
C ASP B 64 5.43 -4.28 -12.00
N ILE B 65 6.42 -5.07 -12.39
CA ILE B 65 6.20 -6.44 -12.86
C ILE B 65 7.27 -7.34 -12.28
N GLY B 66 6.85 -8.24 -11.38
CA GLY B 66 7.83 -9.13 -10.81
C GLY B 66 7.23 -10.11 -9.86
N LEU B 67 7.83 -10.22 -8.68
CA LEU B 67 7.41 -11.18 -7.65
C LEU B 67 7.24 -10.52 -6.31
N GLN B 68 6.34 -11.05 -5.50
CA GLN B 68 6.12 -10.61 -4.13
C GLN B 68 6.38 -11.78 -3.21
N TYR B 69 6.89 -11.50 -2.03
CA TYR B 69 7.11 -12.58 -1.07
C TYR B 69 5.86 -12.81 -0.25
N SER B 70 5.50 -14.08 -0.11
CA SER B 70 4.38 -14.48 0.72
C SER B 70 4.91 -14.96 2.06
N LYS B 71 4.62 -14.22 3.15
CA LYS B 71 5.01 -14.63 4.49
C LYS B 71 4.22 -15.86 4.89
N GLN B 72 2.95 -15.93 4.48
CA GLN B 72 2.07 -17.06 4.83
C GLN B 72 2.60 -18.39 4.30
N TYR B 73 3.13 -18.40 3.05
CA TYR B 73 3.56 -19.63 2.40
C TYR B 73 5.06 -19.75 2.18
N ASN B 74 5.87 -18.70 2.53
CA ASN B 74 7.32 -18.71 2.35
C ASN B 74 7.73 -19.05 0.88
N VAL B 75 7.09 -18.33 -0.05
CA VAL B 75 7.37 -18.46 -1.49
C VAL B 75 7.25 -17.10 -2.12
N TRP B 76 7.69 -17.00 -3.35
CA TRP B 76 7.57 -15.78 -4.16
C TRP B 76 6.51 -16.03 -5.25
N LYS B 77 5.58 -15.08 -5.39
CA LYS B 77 4.49 -15.26 -6.35
C LYS B 77 4.46 -14.12 -7.31
N PRO B 78 3.78 -14.26 -8.44
CA PRO B 78 3.72 -13.12 -9.39
C PRO B 78 3.08 -11.88 -8.83
N LEU B 79 3.65 -10.73 -9.25
N LEU B 79 3.52 -10.71 -9.26
CA LEU B 79 3.24 -9.36 -8.94
CA LEU B 79 2.84 -9.45 -8.89
C LEU B 79 3.17 -8.57 -10.25
C LEU B 79 3.08 -8.50 -10.04
N MSE B 80 1.99 -8.00 -10.59
CA MSE B 80 1.96 -7.14 -11.79
C MSE B 80 0.96 -6.03 -11.66
O MSE B 80 -0.19 -6.24 -11.29
CB MSE B 80 1.52 -7.96 -13.05
CG MSE B 80 2.42 -9.03 -13.47
SE MSE B 80 1.69 -9.80 -15.14
CE MSE B 80 2.29 -8.39 -16.40
N LYS B 81 1.39 -4.85 -12.04
CA LYS B 81 0.54 -3.65 -12.06
CA LYS B 81 0.46 -3.72 -12.15
C LYS B 81 0.96 -2.81 -13.24
N VAL B 82 0.02 -2.36 -14.08
CA VAL B 82 0.35 -1.51 -15.22
C VAL B 82 -0.59 -0.32 -15.16
N GLY B 83 -0.10 0.84 -14.71
CA GLY B 83 -0.94 2.01 -14.50
C GLY B 83 -2.02 1.68 -13.49
N SER B 84 -3.30 1.93 -13.85
CA SER B 84 -4.44 1.66 -12.95
C SER B 84 -4.94 0.20 -13.02
N LYS B 85 -4.33 -0.64 -13.87
CA LYS B 85 -4.77 -2.01 -14.08
C LYS B 85 -3.93 -2.98 -13.26
N ASN B 86 -4.56 -3.70 -12.35
CA ASN B 86 -3.86 -4.61 -11.45
C ASN B 86 -4.55 -5.98 -11.35
N GLU B 87 -5.50 -6.28 -12.26
CA GLU B 87 -6.19 -7.59 -12.24
C GLU B 87 -5.45 -8.56 -13.13
N GLU B 88 -4.73 -9.51 -12.53
CA GLU B 88 -3.91 -10.49 -13.25
C GLU B 88 -4.74 -11.62 -13.83
N THR B 89 -4.36 -12.03 -15.06
CA THR B 89 -4.94 -13.20 -15.73
C THR B 89 -3.85 -14.25 -15.81
N TYR B 90 -4.13 -15.45 -15.31
CA TYR B 90 -3.15 -16.53 -15.41
C TYR B 90 -3.45 -17.37 -16.64
N ILE B 91 -2.55 -17.34 -17.62
CA ILE B 91 -2.71 -18.07 -18.89
C ILE B 91 -2.33 -19.51 -18.71
N GLU B 92 -1.33 -19.75 -17.83
CA GLU B 92 -0.79 -21.07 -17.55
C GLU B 92 -0.12 -21.05 -16.21
N GLY B 93 -0.21 -22.17 -15.49
CA GLY B 93 0.54 -22.37 -14.26
C GLY B 93 -0.03 -21.88 -12.94
N LYS B 94 -1.31 -21.43 -12.92
N LYS B 94 -1.31 -21.42 -12.91
CA LYS B 94 -2.01 -20.95 -11.72
CA LYS B 94 -1.96 -20.93 -11.68
C LYS B 94 -1.88 -21.96 -10.56
C LYS B 94 -1.86 -21.98 -10.55
N ASP B 95 -2.09 -23.25 -10.87
CA ASP B 95 -2.10 -24.32 -9.86
C ASP B 95 -0.72 -24.71 -9.34
N LYS B 96 0.35 -24.19 -9.95
CA LYS B 96 1.71 -24.55 -9.58
CA LYS B 96 1.69 -24.56 -9.54
C LYS B 96 2.48 -23.42 -8.90
N PHE B 97 2.07 -22.16 -9.14
CA PHE B 97 2.84 -21.02 -8.60
C PHE B 97 1.99 -19.89 -8.00
N THR B 98 0.74 -20.21 -7.61
CA THR B 98 -0.10 -19.25 -6.88
C THR B 98 -0.76 -20.02 -5.71
N TYR B 99 -1.48 -19.28 -4.89
CA TYR B 99 -2.20 -19.70 -3.69
C TYR B 99 -1.21 -20.28 -2.69
N ASN B 100 -1.19 -21.62 -2.43
CA ASN B 100 -0.26 -22.13 -1.41
C ASN B 100 1.08 -22.53 -2.01
N LYS B 101 1.27 -22.22 -3.32
CA LYS B 101 2.49 -22.53 -4.02
CA LYS B 101 2.49 -22.53 -4.03
C LYS B 101 3.10 -21.27 -4.63
N GLY B 102 4.40 -21.32 -4.91
CA GLY B 102 5.13 -20.22 -5.52
C GLY B 102 6.57 -20.63 -5.67
N PHE B 103 7.40 -19.71 -6.19
CA PHE B 103 8.82 -19.96 -6.39
C PHE B 103 9.51 -20.16 -5.05
N ARG B 104 10.30 -21.23 -4.93
CA ARG B 104 10.85 -21.55 -3.62
C ARG B 104 12.08 -20.65 -3.27
N PRO B 105 12.26 -20.41 -1.95
CA PRO B 105 13.43 -19.61 -1.51
C PRO B 105 14.75 -20.16 -2.06
N GLY B 106 15.66 -19.26 -2.37
CA GLY B 106 17.00 -19.59 -2.87
C GLY B 106 17.07 -20.06 -4.32
N SER B 107 15.91 -20.24 -4.99
CA SER B 107 15.88 -20.73 -6.36
C SER B 107 16.12 -19.62 -7.36
N THR B 108 16.34 -20.01 -8.61
CA THR B 108 16.50 -19.03 -9.69
C THR B 108 15.26 -19.06 -10.58
N VAL B 109 14.80 -17.87 -10.96
CA VAL B 109 13.62 -17.72 -11.80
C VAL B 109 14.00 -16.98 -13.07
N GLN B 110 13.66 -17.55 -14.21
CA GLN B 110 13.88 -16.90 -15.49
C GLN B 110 12.65 -16.09 -15.81
N MSE B 111 12.86 -14.78 -16.04
CA MSE B 111 11.72 -13.90 -16.30
C MSE B 111 11.81 -13.29 -17.67
O MSE B 111 12.87 -12.83 -18.08
CB MSE B 111 11.65 -12.80 -15.24
CG MSE B 111 10.54 -11.77 -15.51
SE MSE B 111 10.22 -10.59 -14.05
CE MSE B 111 11.77 -9.52 -14.22
N THR B 112 10.68 -13.25 -18.35
CA THR B 112 10.54 -12.54 -19.62
C THR B 112 9.33 -11.61 -19.45
N ILE B 113 9.49 -10.31 -19.81
CA ILE B 113 8.39 -9.34 -19.75
C ILE B 113 8.16 -8.83 -21.16
N TYR B 114 6.92 -8.91 -21.64
CA TYR B 114 6.50 -8.39 -22.94
C TYR B 114 5.62 -7.19 -22.65
N LYS B 115 6.06 -5.98 -22.99
CA LYS B 115 5.28 -4.76 -22.73
C LYS B 115 3.93 -4.80 -23.45
N ASN B 116 3.89 -5.41 -24.63
CA ASN B 116 2.69 -5.44 -25.46
C ASN B 116 2.70 -6.61 -26.41
N LEU B 117 1.88 -7.59 -26.06
CA LEU B 117 1.67 -8.80 -26.82
C LEU B 117 0.16 -8.84 -27.08
N SER B 118 -0.27 -8.43 -28.30
CA SER B 118 -1.68 -8.33 -28.72
C SER B 118 -2.49 -7.40 -27.77
N GLY B 119 -1.83 -6.33 -27.30
CA GLY B 119 -2.43 -5.33 -26.43
C GLY B 119 -2.36 -5.63 -24.94
N ASN B 120 -1.75 -6.78 -24.57
CA ASN B 120 -1.60 -7.21 -23.18
C ASN B 120 -0.15 -7.15 -22.71
N THR B 121 0.06 -6.86 -21.42
CA THR B 121 1.41 -6.91 -20.82
C THR B 121 1.53 -8.31 -20.22
N ARG B 122 2.58 -9.06 -20.62
CA ARG B 122 2.77 -10.43 -20.17
C ARG B 122 4.07 -10.59 -19.42
N MSE B 123 4.03 -11.42 -18.38
CA MSE B 123 5.23 -11.83 -17.67
C MSE B 123 5.22 -13.34 -17.65
O MSE B 123 4.23 -13.93 -17.21
CB MSE B 123 5.29 -11.29 -16.24
CG MSE B 123 6.53 -11.80 -15.50
SE MSE B 123 6.52 -11.25 -13.63
CE MSE B 123 4.81 -11.96 -13.09
N THR B 124 6.31 -13.97 -18.15
CA THR B 124 6.48 -15.41 -18.11
C THR B 124 7.58 -15.70 -17.14
N LEU B 125 7.36 -16.64 -16.20
CA LEU B 125 8.34 -17.03 -15.17
C LEU B 125 8.57 -18.51 -15.24
N TRP B 126 9.84 -18.90 -15.31
CA TRP B 126 10.26 -20.31 -15.33
C TRP B 126 11.08 -20.57 -14.10
N GLY B 127 10.72 -21.58 -13.33
CA GLY B 127 11.47 -21.93 -12.14
C GLY B 127 10.88 -23.07 -11.36
N THR B 128 11.27 -23.19 -10.08
CA THR B 128 10.89 -24.32 -9.26
C THR B 128 10.04 -23.90 -8.08
N ASN B 129 8.93 -24.63 -7.83
CA ASN B 129 8.06 -24.26 -6.73
C ASN B 129 8.45 -24.98 -5.42
N ASN B 130 7.68 -24.73 -4.36
CA ASN B 130 7.94 -25.28 -3.03
C ASN B 130 7.70 -26.81 -2.94
N ASP B 131 7.15 -27.43 -4.00
CA ASP B 131 6.95 -28.89 -4.07
C ASP B 131 8.02 -29.54 -4.95
N GLY B 132 8.96 -28.74 -5.44
CA GLY B 132 10.03 -29.23 -6.31
C GLY B 132 9.61 -29.42 -7.77
N TYR B 133 8.43 -28.87 -8.15
CA TYR B 133 7.98 -28.88 -9.54
C TYR B 133 8.69 -27.76 -10.29
N THR B 134 9.30 -28.10 -11.43
CA THR B 134 9.95 -27.10 -12.29
C THR B 134 9.02 -26.87 -13.48
N GLY B 135 8.60 -25.63 -13.64
CA GLY B 135 7.69 -25.27 -14.72
C GLY B 135 7.58 -23.79 -14.96
N ARG B 136 6.47 -23.42 -15.62
CA ARG B 136 6.18 -22.08 -16.08
CA ARG B 136 6.19 -22.08 -16.08
C ARG B 136 4.87 -21.54 -15.54
N ILE B 137 4.82 -20.21 -15.30
CA ILE B 137 3.58 -19.53 -14.98
C ILE B 137 3.60 -18.33 -15.91
N ILE B 138 2.53 -18.15 -16.69
CA ILE B 138 2.34 -17.02 -17.60
C ILE B 138 1.20 -16.16 -17.03
N THR B 139 1.51 -14.89 -16.78
CA THR B 139 0.57 -13.94 -16.19
C THR B 139 0.47 -12.74 -17.09
N GLU B 140 -0.71 -12.17 -17.19
CA GLU B 140 -0.92 -10.97 -18.00
C GLU B 140 -1.79 -9.95 -17.30
N ILE B 141 -1.62 -8.68 -17.68
CA ILE B 141 -2.54 -7.57 -17.39
C ILE B 141 -3.10 -7.30 -18.76
N GLN B 142 -4.37 -7.63 -19.00
CA GLN B 142 -4.96 -7.47 -20.33
CA GLN B 142 -4.90 -7.47 -20.35
C GLN B 142 -5.34 -6.04 -20.63
N GLY B 143 -5.29 -5.70 -21.92
CA GLY B 143 -5.73 -4.42 -22.46
C GLY B 143 -4.99 -3.19 -21.99
N THR B 144 -3.68 -3.33 -21.78
CA THR B 144 -2.85 -2.22 -21.37
C THR B 144 -2.46 -1.34 -22.55
N ASN B 145 -2.35 -1.95 -23.76
CA ASN B 145 -2.03 -1.28 -25.04
C ASN B 145 -0.87 -0.28 -24.89
N ILE B 146 0.26 -0.77 -24.37
CA ILE B 146 1.42 0.07 -24.12
C ILE B 146 2.12 0.38 -25.42
N GLY B 147 2.37 1.67 -25.63
CA GLY B 147 3.08 2.16 -26.80
C GLY B 147 4.57 2.22 -26.54
N THR B 148 5.20 3.37 -26.88
CA THR B 148 6.65 3.53 -26.68
C THR B 148 7.00 3.64 -25.19
N ILE B 149 8.22 3.22 -24.87
CA ILE B 149 8.78 3.20 -23.52
C ILE B 149 9.86 4.28 -23.35
N SER B 150 9.94 4.88 -22.14
CA SER B 150 10.97 5.88 -21.82
CA SER B 150 10.98 5.87 -21.86
C SER B 150 12.20 5.14 -21.32
N LYS B 151 12.01 4.24 -20.34
CA LYS B 151 13.07 3.44 -19.75
C LYS B 151 12.48 2.30 -18.92
N TRP B 152 13.31 1.31 -18.59
CA TRP B 152 12.91 0.20 -17.74
C TRP B 152 13.54 0.39 -16.35
N LYS B 153 13.08 -0.40 -15.39
CA LYS B 153 13.60 -0.28 -14.03
C LYS B 153 13.79 -1.66 -13.41
N THR B 154 14.47 -1.71 -12.28
CA THR B 154 14.62 -2.94 -11.50
C THR B 154 14.74 -2.51 -10.04
N LEU B 155 13.94 -3.13 -9.17
CA LEU B 155 13.94 -2.78 -7.76
C LEU B 155 13.85 -4.01 -6.89
N ALA B 156 14.35 -3.88 -5.64
CA ALA B 156 14.07 -4.84 -4.56
C ALA B 156 13.63 -4.00 -3.40
N THR B 157 12.38 -4.17 -2.95
CA THR B 157 11.85 -3.26 -1.92
C THR B 157 11.13 -3.96 -0.81
N ALA B 158 10.88 -3.23 0.28
CA ALA B 158 9.96 -3.65 1.32
C ALA B 158 8.97 -2.50 1.32
N ALA B 159 7.79 -2.72 0.72
CA ALA B 159 6.81 -1.64 0.52
C ALA B 159 5.70 -1.65 1.54
N VAL B 160 5.17 -0.45 1.81
CA VAL B 160 4.10 -0.18 2.77
C VAL B 160 2.93 0.56 2.06
N SER B 161 1.73 0.49 2.64
CA SER B 161 0.58 1.20 2.05
C SER B 161 0.65 2.71 2.27
N TYR B 162 1.17 3.14 3.44
N TYR B 162 1.23 3.14 3.40
CA TYR B 162 1.24 4.54 3.91
CA TYR B 162 1.34 4.56 3.76
C TYR B 162 2.69 4.90 4.37
C TYR B 162 2.74 4.90 4.29
N GLU B 163 3.11 6.17 4.18
CA GLU B 163 4.43 6.72 4.53
C GLU B 163 4.93 6.55 6.00
N SER B 164 4.17 6.97 7.04
CA SER B 164 4.53 6.90 8.48
C SER B 164 5.01 5.54 8.92
N GLN B 165 4.62 4.52 8.13
CA GLN B 165 4.93 3.13 8.37
C GLN B 165 6.39 2.83 7.99
N ARG B 166 7.08 3.77 7.30
CA ARG B 166 8.49 3.66 6.91
C ARG B 166 9.44 3.28 8.06
N ASP B 167 9.36 4.02 9.19
CA ASP B 167 10.26 3.81 10.34
C ASP B 167 10.13 2.42 10.96
N ALA B 168 8.92 1.83 10.93
CA ALA B 168 8.62 0.50 11.49
C ALA B 168 9.09 -0.65 10.59
N ILE B 169 9.44 -0.38 9.32
CA ILE B 169 9.87 -1.45 8.41
C ILE B 169 11.07 -2.21 8.98
N LYS B 170 10.98 -3.54 8.93
CA LYS B 170 12.08 -4.42 9.28
C LYS B 170 12.16 -5.42 8.15
N ALA B 171 13.24 -5.38 7.37
CA ALA B 171 13.41 -6.30 6.24
C ALA B 171 14.86 -6.53 5.94
N THR B 172 15.26 -7.79 5.76
CA THR B 172 16.61 -8.17 5.38
C THR B 172 16.51 -9.28 4.35
N PHE B 173 16.87 -8.97 3.09
CA PHE B 173 16.88 -9.95 2.01
C PHE B 173 17.70 -9.42 0.86
N SER B 174 18.38 -10.33 0.13
CA SER B 174 19.21 -9.92 -0.99
CA SER B 174 19.21 -9.92 -0.99
C SER B 174 18.84 -10.71 -2.23
N THR B 175 18.83 -10.04 -3.37
CA THR B 175 18.46 -10.68 -4.63
C THR B 175 19.36 -10.18 -5.75
N SER B 176 19.44 -10.97 -6.83
CA SER B 176 20.22 -10.62 -8.04
C SER B 176 19.34 -10.70 -9.26
N PHE B 177 19.54 -9.74 -10.19
CA PHE B 177 18.94 -9.76 -11.53
C PHE B 177 20.10 -9.95 -12.48
N ASN B 178 20.21 -11.12 -13.09
CA ASN B 178 21.37 -11.42 -13.91
C ASN B 178 21.04 -11.60 -15.37
N ASN B 179 22.04 -11.29 -16.22
CA ASN B 179 21.98 -11.37 -17.66
C ASN B 179 20.78 -10.61 -18.19
N ILE B 180 20.70 -9.33 -17.79
CA ILE B 180 19.58 -8.48 -18.19
C ILE B 180 19.72 -8.16 -19.66
N THR B 181 18.67 -8.46 -20.45
CA THR B 181 18.64 -8.14 -21.87
C THR B 181 17.33 -7.48 -22.20
N ILE B 182 17.37 -6.47 -23.09
CA ILE B 182 16.13 -5.84 -23.56
C ILE B 182 16.22 -5.88 -25.08
N ASP B 183 15.24 -6.53 -25.73
CA ASP B 183 15.20 -6.77 -27.17
C ASP B 183 16.52 -7.47 -27.61
N ASN B 184 16.90 -8.47 -26.81
CA ASN B 184 18.04 -9.38 -26.98
C ASN B 184 19.42 -8.70 -26.87
N LYS B 185 19.45 -7.44 -26.40
CA LYS B 185 20.70 -6.69 -26.18
C LYS B 185 20.97 -6.54 -24.69
N ALA B 186 22.21 -6.88 -24.25
CA ALA B 186 22.61 -6.73 -22.87
C ALA B 186 22.50 -5.25 -22.45
N VAL B 187 21.95 -4.99 -21.27
CA VAL B 187 21.79 -3.63 -20.77
C VAL B 187 22.39 -3.52 -19.36
N THR B 188 23.31 -2.54 -19.18
CA THR B 188 23.95 -2.30 -17.87
C THR B 188 23.11 -1.29 -17.11
N PRO B 189 22.56 -1.69 -15.95
CA PRO B 189 21.75 -0.76 -15.17
C PRO B 189 22.58 0.33 -14.53
N VAL B 190 21.93 1.45 -14.22
CA VAL B 190 22.55 2.59 -13.55
C VAL B 190 21.96 2.68 -12.14
N VAL B 191 22.85 2.73 -11.13
CA VAL B 191 22.42 2.80 -9.73
C VAL B 191 21.59 4.07 -9.53
N ASP B 192 20.42 3.90 -8.89
CA ASP B 192 19.55 5.00 -8.54
C ASP B 192 19.51 4.98 -7.00
N THR B 193 18.33 4.98 -6.39
CA THR B 193 18.15 5.03 -4.95
C THR B 193 18.71 3.81 -4.20
N GLN B 194 19.35 4.10 -3.07
CA GLN B 194 19.82 3.09 -2.11
C GLN B 194 19.30 3.53 -0.76
N ASP B 195 18.11 3.03 -0.39
CA ASP B 195 17.41 3.41 0.83
C ASP B 195 17.32 2.18 1.74
N PHE B 196 18.28 2.05 2.72
CA PHE B 196 18.42 0.84 3.56
C PHE B 196 18.70 -0.38 2.65
N ALA B 197 19.43 -0.11 1.56
CA ALA B 197 19.81 -1.14 0.61
C ALA B 197 21.12 -0.80 -0.01
N LYS B 198 21.86 -1.84 -0.39
CA LYS B 198 23.14 -1.73 -1.06
C LYS B 198 22.92 -2.24 -2.45
N VAL B 199 23.19 -1.40 -3.46
CA VAL B 199 23.03 -1.82 -4.86
C VAL B 199 24.41 -1.99 -5.52
N SER B 200 24.68 -3.16 -6.12
CA SER B 200 25.95 -3.41 -6.81
C SER B 200 25.64 -3.78 -8.26
N VAL B 201 26.21 -3.04 -9.22
CA VAL B 201 26.05 -3.32 -10.64
C VAL B 201 27.38 -3.88 -11.17
N ALA B 202 27.32 -4.96 -11.96
CA ALA B 202 28.49 -5.52 -12.64
C ALA B 202 28.07 -5.90 -14.01
N GLY B 203 28.22 -4.96 -14.96
CA GLY B 203 27.77 -5.18 -16.33
C GLY B 203 26.25 -5.30 -16.34
N ASN B 204 25.70 -6.28 -17.07
CA ASN B 204 24.24 -6.44 -17.16
C ASN B 204 23.72 -7.35 -16.04
N ASN B 205 24.11 -7.02 -14.81
CA ASN B 205 23.79 -7.79 -13.61
C ASN B 205 23.70 -6.82 -12.47
N VAL B 206 22.75 -7.05 -11.54
CA VAL B 206 22.66 -6.16 -10.39
C VAL B 206 22.24 -6.98 -9.17
N THR B 207 22.89 -6.70 -8.04
CA THR B 207 22.52 -7.32 -6.78
C THR B 207 22.00 -6.20 -5.89
N ILE B 208 20.85 -6.44 -5.24
CA ILE B 208 20.26 -5.46 -4.34
C ILE B 208 20.07 -6.14 -2.99
N SER B 209 20.78 -5.64 -1.94
CA SER B 209 20.72 -6.19 -0.61
C SER B 209 20.02 -5.23 0.34
N VAL B 210 18.77 -5.54 0.69
CA VAL B 210 17.91 -4.73 1.54
C VAL B 210 18.21 -5.11 2.99
N ASN B 211 18.39 -4.11 3.85
CA ASN B 211 18.68 -4.39 5.24
C ASN B 211 18.27 -3.23 6.14
N LYS B 212 17.17 -3.46 6.87
CA LYS B 212 16.62 -2.55 7.89
CA LYS B 212 16.61 -2.55 7.87
C LYS B 212 16.10 -3.36 9.07
S SO4 C . -12.28 7.76 -2.03
O1 SO4 C . -11.96 7.24 -3.37
O2 SO4 C . -13.49 8.56 -2.14
O3 SO4 C . -12.47 6.66 -1.10
O4 SO4 C . -11.18 8.59 -1.60
S SO4 D . 3.56 6.57 14.08
S SO4 D . 5.20 6.38 14.55
O1 SO4 D . 3.83 7.36 12.90
O1 SO4 D . 5.49 7.62 13.83
O2 SO4 D . 2.43 7.20 14.77
O2 SO4 D . 5.45 6.60 15.93
O3 SO4 D . 3.22 5.19 13.67
O3 SO4 D . 3.78 6.04 14.35
O4 SO4 D . 4.75 6.53 14.99
O4 SO4 D . 6.04 5.26 14.07
S SO4 E . 9.63 3.98 -10.20
O1 SO4 E . 9.20 5.29 -9.69
O2 SO4 E . 8.44 3.30 -10.67
O3 SO4 E . 10.57 4.20 -11.30
O4 SO4 E . 10.24 3.22 -9.12
S SO4 F . -2.78 -15.88 -4.86
O1 SO4 F . -3.27 -15.93 -6.24
O2 SO4 F . -3.77 -15.39 -3.91
O3 SO4 F . -2.40 -17.18 -4.52
O4 SO4 F . -1.61 -14.95 -4.96
#